data_3U2U
#
_entry.id   3U2U
#
_cell.length_a   46.765
_cell.length_b   46.844
_cell.length_c   69.848
_cell.angle_alpha   79.36
_cell.angle_beta   88.45
_cell.angle_gamma   77.20
#
_symmetry.space_group_name_H-M   'P 1'
#
loop_
_entity.id
_entity.type
_entity.pdbx_description
1 polymer Glycogenin-1
2 branched alpha-D-glucopyranose-(1-4)-alpha-D-glucopyranose-(1-4)-alpha-D-glucopyranose-(1-4)-alpha-D-glucopyranose
3 non-polymer 'MANGANESE (II) ION'
4 non-polymer "URIDINE-5'-DIPHOSPHATE"
5 non-polymer GLYCEROL
6 non-polymer 'SULFATE ION'
7 water water
#
_entity_poly.entity_id   1
_entity_poly.type   'polypeptide(L)'
_entity_poly.pdbx_seq_one_letter_code
;SMTDQAFVTLTTNDAYAKGALVLGSSLKQHRTTRRLVVLATPQVSDSMRKVLETVFDEVIMVDVLDSGDSAHLTLMKRPE
LGVTLTKLHCWSLTQYSKCVFMDADTLVLANIDDLFDREELSAAPDPGWPDCFNSGVFVYQPSVETYNQLLHLASEQGSF
DGGDQGILNTFFSSWATTDIRKHLPFIYNLSSISIYSYLPAFKVFGASAKVVHFLGRVKPWNYTYDPKTKSVKSEAHDPN
MTHPEFLILWWNIFTTNVLPLLQ
;
_entity_poly.pdbx_strand_id   A,B
#
# COMPACT_ATOMS: atom_id res chain seq x y z
N SER A 1 -17.91 -21.67 16.40
CA SER A 1 -16.58 -22.20 15.97
C SER A 1 -16.72 -23.42 15.05
N MET A 2 -16.88 -24.60 15.65
CA MET A 2 -16.86 -25.86 14.90
C MET A 2 -17.89 -25.86 13.78
N THR A 3 -19.14 -25.59 14.14
CA THR A 3 -20.25 -25.76 13.21
C THR A 3 -20.69 -24.46 12.54
N ASP A 4 -20.59 -23.33 13.24
CA ASP A 4 -21.26 -22.11 12.80
C ASP A 4 -20.33 -21.04 12.23
N GLN A 5 -19.05 -21.36 12.04
CA GLN A 5 -18.09 -20.42 11.40
C GLN A 5 -17.31 -21.16 10.33
N ALA A 6 -16.95 -20.42 9.29
CA ALA A 6 -16.32 -21.01 8.11
C ALA A 6 -15.31 -20.11 7.43
N PHE A 7 -14.31 -20.74 6.82
CA PHE A 7 -13.55 -20.12 5.75
C PHE A 7 -14.27 -20.41 4.47
N VAL A 8 -14.34 -19.40 3.61
CA VAL A 8 -15.07 -19.51 2.37
C VAL A 8 -14.18 -19.03 1.22
N THR A 9 -14.10 -19.82 0.14
CA THR A 9 -13.41 -19.39 -1.10
C THR A 9 -14.33 -19.53 -2.29
N LEU A 10 -13.80 -19.22 -3.46
CA LEU A 10 -14.57 -19.11 -4.71
C LEU A 10 -13.75 -19.63 -5.86
N THR A 11 -14.36 -20.47 -6.69
CA THR A 11 -13.76 -20.79 -7.97
C THR A 11 -14.79 -20.89 -9.07
N THR A 12 -14.54 -20.21 -10.18
CA THR A 12 -15.44 -20.29 -11.32
C THR A 12 -14.96 -21.26 -12.38
N ASN A 13 -13.79 -21.88 -12.19
CA ASN A 13 -13.25 -22.80 -13.19
C ASN A 13 -12.25 -23.79 -12.59
N ASP A 14 -11.76 -24.73 -13.39
CA ASP A 14 -10.87 -25.78 -12.85
C ASP A 14 -9.46 -25.29 -12.59
N ALA A 15 -9.07 -24.17 -13.16
CA ALA A 15 -7.75 -23.58 -12.94
C ALA A 15 -7.69 -22.97 -11.54
N TYR A 16 -8.61 -22.07 -11.25
CA TYR A 16 -8.67 -21.49 -9.89
C TYR A 16 -9.03 -22.54 -8.85
N ALA A 17 -9.65 -23.63 -9.28
CA ALA A 17 -9.91 -24.73 -8.35
C ALA A 17 -8.62 -25.31 -7.79
N LYS A 18 -7.53 -25.33 -8.57
CA LYS A 18 -6.25 -25.81 -8.08
C LYS A 18 -5.78 -24.92 -6.91
N GLY A 19 -5.98 -23.62 -7.09
CA GLY A 19 -5.79 -22.67 -5.98
C GLY A 19 -6.62 -22.95 -4.75
N ALA A 20 -7.93 -23.16 -4.93
CA ALA A 20 -8.79 -23.45 -3.77
C ALA A 20 -8.35 -24.72 -3.06
N LEU A 21 -7.92 -25.72 -3.85
CA LEU A 21 -7.46 -26.98 -3.25
C LEU A 21 -6.21 -26.79 -2.39
N VAL A 22 -5.25 -25.98 -2.89
CA VAL A 22 -4.04 -25.70 -2.13
C VAL A 22 -4.38 -24.86 -0.90
N LEU A 23 -5.22 -23.84 -1.05
CA LEU A 23 -5.67 -23.05 0.09
C LEU A 23 -6.31 -23.94 1.19
N GLY A 24 -7.27 -24.75 0.78
CA GLY A 24 -7.97 -25.61 1.72
C GLY A 24 -7.02 -26.57 2.40
N SER A 25 -6.10 -27.13 1.63
CA SER A 25 -5.10 -28.03 2.19
CA SER A 25 -5.09 -28.03 2.19
C SER A 25 -4.27 -27.32 3.23
N SER A 26 -3.86 -26.09 2.92
CA SER A 26 -3.08 -25.30 3.88
C SER A 26 -3.86 -24.97 5.17
N LEU A 27 -5.16 -24.68 5.08
CA LEU A 27 -5.98 -24.44 6.25
C LEU A 27 -6.06 -25.71 7.12
N LYS A 28 -6.16 -26.88 6.48
CA LYS A 28 -6.18 -28.15 7.23
CA LYS A 28 -6.17 -28.16 7.22
C LYS A 28 -4.82 -28.41 7.86
N GLN A 29 -3.74 -28.12 7.14
CA GLN A 29 -2.35 -28.30 7.62
C GLN A 29 -2.10 -27.55 8.93
N HIS A 30 -2.71 -26.37 9.05
CA HIS A 30 -2.53 -25.51 10.21
C HIS A 30 -3.68 -25.63 11.20
N ARG A 31 -4.44 -26.72 11.06
CA ARG A 31 -5.38 -27.22 12.08
C ARG A 31 -6.50 -26.25 12.43
N THR A 32 -7.14 -25.70 11.38
CA THR A 32 -8.32 -24.91 11.65
C THR A 32 -9.39 -25.80 12.28
N THR A 33 -10.15 -25.19 13.16
CA THR A 33 -11.32 -25.81 13.78
C THR A 33 -12.63 -25.33 13.16
N ARG A 34 -12.54 -24.50 12.11
CA ARG A 34 -13.73 -24.04 11.43
C ARG A 34 -14.02 -24.87 10.20
N ARG A 35 -15.24 -24.71 9.67
CA ARG A 35 -15.65 -25.31 8.43
CA ARG A 35 -15.61 -25.34 8.43
C ARG A 35 -14.91 -24.69 7.25
N LEU A 36 -14.76 -25.47 6.17
CA LEU A 36 -14.18 -25.02 4.91
C LEU A 36 -15.24 -25.16 3.84
N VAL A 37 -15.53 -24.05 3.17
CA VAL A 37 -16.55 -23.99 2.14
C VAL A 37 -15.99 -23.37 0.86
N VAL A 38 -16.36 -23.91 -0.31
CA VAL A 38 -16.03 -23.32 -1.59
C VAL A 38 -17.29 -23.09 -2.40
N LEU A 39 -17.45 -21.86 -2.89
CA LEU A 39 -18.46 -21.49 -3.87
C LEU A 39 -17.94 -21.85 -5.24
N ALA A 40 -18.73 -22.58 -6.00
CA ALA A 40 -18.33 -23.04 -7.33
C ALA A 40 -19.46 -22.74 -8.30
N THR A 41 -19.08 -22.46 -9.56
CA THR A 41 -20.03 -22.13 -10.61
C THR A 41 -20.05 -23.28 -11.64
N PRO A 42 -20.99 -23.24 -12.61
CA PRO A 42 -21.15 -24.42 -13.48
C PRO A 42 -19.97 -24.79 -14.40
N GLN A 43 -19.05 -23.85 -14.62
CA GLN A 43 -17.87 -24.10 -15.46
CA GLN A 43 -17.88 -24.14 -15.47
C GLN A 43 -16.90 -25.06 -14.75
N VAL A 44 -17.02 -25.20 -13.44
CA VAL A 44 -16.18 -26.16 -12.73
C VAL A 44 -16.67 -27.57 -13.10
N SER A 45 -15.75 -28.43 -13.54
CA SER A 45 -16.14 -29.75 -14.03
C SER A 45 -16.71 -30.61 -12.91
N ASP A 46 -17.55 -31.59 -13.28
CA ASP A 46 -18.08 -32.51 -12.29
C ASP A 46 -16.99 -33.25 -11.50
N SER A 47 -15.95 -33.68 -12.23
CA SER A 47 -14.84 -34.37 -11.62
C SER A 47 -14.11 -33.46 -10.65
N MET A 48 -13.91 -32.20 -11.02
CA MET A 48 -13.29 -31.25 -10.08
C MET A 48 -14.16 -30.95 -8.87
N ARG A 49 -15.47 -30.83 -9.04
CA ARG A 49 -16.34 -30.69 -7.90
C ARG A 49 -16.18 -31.83 -6.90
N LYS A 50 -16.03 -33.07 -7.40
CA LYS A 50 -15.85 -34.21 -6.54
C LYS A 50 -14.53 -34.12 -5.78
N VAL A 51 -13.47 -33.65 -6.44
CA VAL A 51 -12.21 -33.47 -5.76
C VAL A 51 -12.31 -32.37 -4.70
N LEU A 52 -12.97 -31.26 -5.05
CA LEU A 52 -13.18 -30.20 -4.07
C LEU A 52 -13.89 -30.72 -2.82
N GLU A 53 -14.84 -31.63 -3.00
CA GLU A 53 -15.51 -32.27 -1.87
C GLU A 53 -14.62 -33.09 -0.94
N THR A 54 -13.43 -33.49 -1.39
CA THR A 54 -12.49 -34.21 -0.53
C THR A 54 -11.67 -33.27 0.37
N VAL A 55 -11.62 -31.99 0.02
CA VAL A 55 -10.86 -30.99 0.79
C VAL A 55 -11.80 -30.06 1.58
N PHE A 56 -12.88 -29.62 0.93
CA PHE A 56 -13.84 -28.72 1.56
C PHE A 56 -14.95 -29.48 2.21
N ASP A 57 -15.48 -28.95 3.31
CA ASP A 57 -16.63 -29.57 3.98
C ASP A 57 -17.86 -29.48 3.11
N GLU A 58 -18.00 -28.38 2.36
CA GLU A 58 -19.07 -28.27 1.41
C GLU A 58 -18.68 -27.47 0.18
N VAL A 59 -19.13 -27.97 -0.97
CA VAL A 59 -19.11 -27.28 -2.22
C VAL A 59 -20.51 -26.73 -2.48
N ILE A 60 -20.64 -25.42 -2.63
CA ILE A 60 -21.92 -24.75 -2.80
C ILE A 60 -21.96 -24.22 -4.22
N MET A 61 -22.91 -24.70 -5.02
CA MET A 61 -23.04 -24.25 -6.40
C MET A 61 -23.83 -22.95 -6.41
N VAL A 62 -23.28 -22.00 -7.15
CA VAL A 62 -23.85 -20.67 -7.29
C VAL A 62 -23.77 -20.23 -8.73
N ASP A 63 -24.59 -19.25 -9.05
CA ASP A 63 -24.60 -18.63 -10.37
C ASP A 63 -23.45 -17.62 -10.49
N VAL A 64 -22.81 -17.58 -11.65
CA VAL A 64 -21.85 -16.52 -11.97
C VAL A 64 -22.55 -15.16 -11.95
N LEU A 65 -21.94 -14.21 -11.25
CA LEU A 65 -22.31 -12.79 -11.31
C LEU A 65 -21.15 -12.08 -11.99
N ASP A 66 -21.45 -11.40 -13.10
CA ASP A 66 -20.44 -10.76 -13.94
C ASP A 66 -20.78 -9.27 -14.13
N SER A 67 -19.85 -8.41 -13.74
CA SER A 67 -20.01 -6.98 -13.91
C SER A 67 -20.20 -6.59 -15.37
N GLY A 68 -19.53 -7.31 -16.28
CA GLY A 68 -19.48 -6.91 -17.70
C GLY A 68 -18.79 -5.58 -17.94
N ASP A 69 -18.05 -5.11 -16.94
CA ASP A 69 -17.45 -3.78 -16.93
C ASP A 69 -16.10 -3.78 -17.60
N SER A 70 -16.13 -3.94 -18.93
CA SER A 70 -14.95 -3.97 -19.75
C SER A 70 -14.07 -2.74 -19.55
N ALA A 71 -14.70 -1.56 -19.41
CA ALA A 71 -13.93 -0.33 -19.34
C ALA A 71 -12.99 -0.36 -18.12
N HIS A 72 -13.54 -0.67 -16.95
CA HIS A 72 -12.74 -0.68 -15.73
C HIS A 72 -11.78 -1.87 -15.69
N LEU A 73 -12.23 -3.03 -16.15
CA LEU A 73 -11.39 -4.25 -16.20
C LEU A 73 -10.19 -4.16 -17.15
N THR A 74 -10.40 -3.62 -18.35
CA THR A 74 -9.30 -3.48 -19.30
C THR A 74 -8.34 -2.40 -18.79
N LEU A 75 -8.85 -1.44 -18.04
CA LEU A 75 -8.01 -0.43 -17.41
C LEU A 75 -6.96 -1.03 -16.45
N MET A 76 -7.30 -2.14 -15.78
CA MET A 76 -6.35 -2.84 -14.92
C MET A 76 -5.59 -3.93 -15.64
N LYS A 77 -5.84 -4.08 -16.94
CA LYS A 77 -5.34 -5.20 -17.72
C LYS A 77 -5.72 -6.54 -17.08
N ARG A 78 -6.93 -6.60 -16.51
CA ARG A 78 -7.48 -7.86 -15.94
C ARG A 78 -8.88 -8.05 -16.47
N PRO A 79 -9.01 -8.23 -17.80
CA PRO A 79 -10.32 -8.27 -18.43
C PRO A 79 -11.21 -9.43 -17.95
N GLU A 80 -10.61 -10.44 -17.33
CA GLU A 80 -11.31 -11.63 -16.83
C GLU A 80 -11.95 -11.51 -15.42
N LEU A 81 -11.73 -10.40 -14.73
CA LEU A 81 -12.15 -10.28 -13.33
C LEU A 81 -13.59 -9.81 -13.11
N GLY A 82 -14.37 -9.66 -14.18
CA GLY A 82 -15.79 -9.32 -14.04
C GLY A 82 -16.59 -10.36 -13.26
N VAL A 83 -16.14 -11.61 -13.36
CA VAL A 83 -16.77 -12.71 -12.64
C VAL A 83 -16.53 -12.69 -11.13
N THR A 84 -15.64 -11.81 -10.64
CA THR A 84 -15.42 -11.72 -9.20
C THR A 84 -16.61 -11.19 -8.42
N LEU A 85 -17.61 -10.62 -9.09
CA LEU A 85 -18.85 -10.26 -8.39
C LEU A 85 -19.54 -11.49 -7.79
N THR A 86 -19.19 -12.69 -8.30
CA THR A 86 -19.69 -13.95 -7.76
C THR A 86 -19.37 -14.09 -6.27
N LYS A 87 -18.30 -13.43 -5.81
CA LYS A 87 -17.98 -13.41 -4.40
C LYS A 87 -19.10 -12.96 -3.53
N LEU A 88 -19.98 -12.09 -4.04
CA LEU A 88 -21.04 -11.53 -3.20
C LEU A 88 -21.96 -12.60 -2.65
N HIS A 89 -22.05 -13.74 -3.30
CA HIS A 89 -22.81 -14.87 -2.77
C HIS A 89 -22.33 -15.34 -1.40
N CYS A 90 -21.12 -14.97 -1.00
CA CYS A 90 -20.68 -15.36 0.31
C CYS A 90 -21.58 -14.87 1.44
N TRP A 91 -22.26 -13.73 1.25
CA TRP A 91 -23.18 -13.20 2.26
C TRP A 91 -24.49 -13.98 2.40
N SER A 92 -24.75 -14.88 1.46
CA SER A 92 -25.97 -15.70 1.47
C SER A 92 -25.83 -16.90 2.41
N LEU A 93 -24.61 -17.15 2.92
CA LEU A 93 -24.32 -18.37 3.69
C LEU A 93 -24.74 -18.24 5.17
N THR A 94 -26.03 -18.05 5.40
CA THR A 94 -26.54 -17.75 6.72
C THR A 94 -26.63 -18.97 7.65
N GLN A 95 -26.24 -20.13 7.14
CA GLN A 95 -25.91 -21.29 7.98
C GLN A 95 -24.72 -21.01 8.93
N TYR A 96 -23.96 -19.94 8.64
CA TYR A 96 -22.81 -19.51 9.47
C TYR A 96 -23.07 -18.13 10.04
N SER A 97 -22.62 -17.91 11.27
CA SER A 97 -22.76 -16.62 11.91
C SER A 97 -21.63 -15.65 11.55
N LYS A 98 -20.48 -16.19 11.17
CA LYS A 98 -19.30 -15.39 10.83
C LYS A 98 -18.40 -16.23 9.95
N CYS A 99 -17.81 -15.58 8.96
CA CYS A 99 -16.95 -16.28 8.02
C CYS A 99 -15.78 -15.40 7.66
N VAL A 100 -14.75 -16.06 7.16
CA VAL A 100 -13.59 -15.40 6.53
C VAL A 100 -13.59 -15.79 5.06
N PHE A 101 -13.75 -14.81 4.18
CA PHE A 101 -13.59 -15.06 2.78
C PHE A 101 -12.11 -15.00 2.44
N MET A 102 -11.64 -15.97 1.65
CA MET A 102 -10.25 -15.97 1.12
C MET A 102 -10.23 -16.25 -0.36
N ASP A 103 -9.53 -15.41 -1.11
CA ASP A 103 -9.32 -15.62 -2.53
C ASP A 103 -8.65 -17.00 -2.77
N ALA A 104 -9.00 -17.61 -3.88
CA ALA A 104 -8.42 -18.91 -4.26
C ALA A 104 -6.94 -18.86 -4.60
N ASP A 105 -6.38 -17.65 -4.81
CA ASP A 105 -4.93 -17.46 -4.93
C ASP A 105 -4.22 -17.04 -3.65
N THR A 106 -4.76 -17.46 -2.51
CA THR A 106 -4.09 -17.28 -1.22
C THR A 106 -3.58 -18.60 -0.67
N LEU A 107 -2.73 -18.52 0.34
CA LEU A 107 -2.06 -19.68 0.90
C LEU A 107 -1.80 -19.36 2.37
N VAL A 108 -2.20 -20.27 3.26
CA VAL A 108 -2.11 -20.06 4.69
C VAL A 108 -0.79 -20.66 5.21
N LEU A 109 -0.08 -19.87 5.99
CA LEU A 109 1.23 -20.20 6.53
C LEU A 109 1.21 -20.44 8.04
N ALA A 110 0.10 -20.14 8.69
CA ALA A 110 -0.05 -20.28 10.13
C ALA A 110 -1.51 -20.37 10.42
N ASN A 111 -1.90 -20.93 11.56
CA ASN A 111 -3.30 -20.94 11.94
C ASN A 111 -3.79 -19.50 12.07
N ILE A 112 -4.92 -19.21 11.41
CA ILE A 112 -5.49 -17.88 11.44
C ILE A 112 -6.92 -17.88 11.98
N ASP A 113 -7.23 -18.84 12.85
CA ASP A 113 -8.54 -18.90 13.49
C ASP A 113 -8.86 -17.68 14.40
N ASP A 114 -7.83 -16.95 14.85
CA ASP A 114 -8.07 -15.74 15.62
C ASP A 114 -8.74 -14.61 14.81
N LEU A 115 -8.82 -14.78 13.49
CA LEU A 115 -9.63 -13.88 12.67
C LEU A 115 -11.08 -13.85 13.06
N PHE A 116 -11.56 -14.93 13.69
CA PHE A 116 -12.95 -14.98 14.07
C PHE A 116 -13.26 -14.12 15.29
N ASP A 117 -12.21 -13.52 15.88
CA ASP A 117 -12.42 -12.51 16.93
C ASP A 117 -12.83 -11.17 16.34
N ARG A 118 -12.63 -11.00 15.03
CA ARG A 118 -12.90 -9.72 14.36
CA ARG A 118 -12.90 -9.72 14.37
C ARG A 118 -14.34 -9.64 13.93
N GLU A 119 -14.76 -8.43 13.57
CA GLU A 119 -16.15 -8.14 13.25
C GLU A 119 -16.25 -7.69 11.80
N GLU A 120 -17.41 -7.87 11.18
CA GLU A 120 -17.61 -7.32 9.83
C GLU A 120 -17.44 -5.79 9.83
N LEU A 121 -16.74 -5.16 8.90
CA LEU A 121 -15.94 -5.76 7.83
C LEU A 121 -14.48 -5.52 8.21
N SER A 122 -13.73 -6.61 8.43
CA SER A 122 -12.32 -6.52 8.80
C SER A 122 -11.51 -7.03 7.64
N ALA A 123 -10.55 -6.23 7.22
CA ALA A 123 -9.72 -6.58 6.07
C ALA A 123 -8.39 -5.81 6.18
N ALA A 124 -7.38 -6.28 5.46
CA ALA A 124 -6.08 -5.65 5.38
C ALA A 124 -6.04 -4.58 4.32
N PRO A 125 -5.13 -3.60 4.48
CA PRO A 125 -4.96 -2.60 3.43
C PRO A 125 -4.46 -3.16 2.11
N ASP A 126 -4.90 -2.55 1.02
CA ASP A 126 -4.39 -2.88 -0.32
C ASP A 126 -3.13 -2.05 -0.69
N PRO A 127 -2.02 -2.70 -1.10
CA PRO A 127 -0.85 -1.90 -1.40
C PRO A 127 -1.06 -0.91 -2.55
N GLY A 128 -1.91 -1.26 -3.52
CA GLY A 128 -2.17 -0.36 -4.64
C GLY A 128 -2.82 0.97 -4.29
N TRP A 129 -3.70 0.96 -3.30
CA TRP A 129 -4.37 2.15 -2.77
C TRP A 129 -4.73 1.85 -1.33
N PRO A 130 -3.86 2.22 -0.40
CA PRO A 130 -4.01 1.64 0.94
C PRO A 130 -5.11 2.21 1.82
N ASP A 131 -5.87 3.19 1.35
CA ASP A 131 -7.10 3.56 2.02
C ASP A 131 -8.29 2.71 1.54
N CYS A 132 -8.02 1.77 0.64
CA CYS A 132 -8.95 0.67 0.32
C CYS A 132 -8.43 -0.57 0.96
N PHE A 133 -9.36 -1.45 1.37
CA PHE A 133 -8.96 -2.78 1.79
C PHE A 133 -8.85 -3.71 0.61
N ASN A 134 -7.96 -4.69 0.73
CA ASN A 134 -7.89 -5.76 -0.23
C ASN A 134 -8.96 -6.79 0.06
N SER A 135 -9.79 -7.12 -0.93
CA SER A 135 -10.90 -8.05 -0.73
C SER A 135 -10.52 -9.52 -0.93
N GLY A 136 -9.24 -9.84 -0.88
CA GLY A 136 -8.78 -11.22 -0.94
C GLY A 136 -8.83 -11.97 0.39
N VAL A 137 -8.96 -11.27 1.51
CA VAL A 137 -9.09 -11.87 2.86
C VAL A 137 -9.96 -10.91 3.67
N PHE A 138 -11.16 -11.35 4.04
CA PHE A 138 -11.97 -10.45 4.87
C PHE A 138 -12.91 -11.22 5.76
N VAL A 139 -13.18 -10.63 6.92
CA VAL A 139 -14.07 -11.20 7.95
C VAL A 139 -15.44 -10.54 7.80
N TYR A 140 -16.48 -11.35 7.63
CA TYR A 140 -17.83 -10.82 7.39
C TYR A 140 -18.87 -11.68 8.10
N GLN A 141 -20.10 -11.16 8.14
CA GLN A 141 -21.24 -11.85 8.76
C GLN A 141 -22.30 -12.10 7.71
N PRO A 142 -22.53 -13.38 7.37
CA PRO A 142 -23.57 -13.64 6.40
C PRO A 142 -24.90 -13.01 6.83
N SER A 143 -25.63 -12.53 5.84
CA SER A 143 -26.87 -11.82 6.11
C SER A 143 -27.66 -11.69 4.84
N VAL A 144 -28.95 -12.09 4.87
CA VAL A 144 -29.77 -11.94 3.67
C VAL A 144 -29.97 -10.47 3.35
N GLU A 145 -30.04 -9.62 4.38
CA GLU A 145 -30.11 -8.19 4.19
C GLU A 145 -28.87 -7.66 3.45
N THR A 146 -27.69 -7.89 4.02
CA THR A 146 -26.45 -7.38 3.40
C THR A 146 -26.26 -7.95 1.98
N TYR A 147 -26.53 -9.23 1.81
CA TYR A 147 -26.47 -9.85 0.52
C TYR A 147 -27.29 -9.09 -0.51
N ASN A 148 -28.56 -8.82 -0.17
CA ASN A 148 -29.43 -8.13 -1.12
C ASN A 148 -29.04 -6.68 -1.36
N GLN A 149 -28.55 -6.02 -0.31
CA GLN A 149 -28.02 -4.66 -0.47
C GLN A 149 -26.86 -4.64 -1.45
N LEU A 150 -25.95 -5.61 -1.32
CA LEU A 150 -24.81 -5.69 -2.20
C LEU A 150 -25.21 -6.00 -3.63
N LEU A 151 -26.09 -6.98 -3.83
CA LEU A 151 -26.58 -7.30 -5.18
C LEU A 151 -27.21 -6.07 -5.83
N HIS A 152 -27.95 -5.32 -5.05
CA HIS A 152 -28.65 -4.17 -5.58
C HIS A 152 -27.68 -3.06 -5.96
N LEU A 153 -26.71 -2.82 -5.10
CA LEU A 153 -25.67 -1.82 -5.40
C LEU A 153 -24.90 -2.20 -6.67
N ALA A 154 -24.56 -3.49 -6.81
CA ALA A 154 -23.85 -3.98 -7.98
C ALA A 154 -24.67 -3.80 -9.23
N SER A 155 -25.97 -4.09 -9.14
CA SER A 155 -26.89 -3.95 -10.29
C SER A 155 -27.06 -2.52 -10.72
N GLU A 156 -27.17 -1.61 -9.75
CA GLU A 156 -27.52 -0.23 -10.08
C GLU A 156 -26.32 0.69 -10.34
N GLN A 157 -25.25 0.51 -9.58
CA GLN A 157 -24.06 1.35 -9.67
C GLN A 157 -22.82 0.63 -10.20
N GLY A 158 -22.80 -0.70 -10.15
CA GLY A 158 -21.63 -1.46 -10.54
C GLY A 158 -20.51 -1.30 -9.54
N SER A 159 -19.28 -1.47 -10.02
CA SER A 159 -18.08 -1.40 -9.19
C SER A 159 -17.06 -0.47 -9.81
N PHE A 160 -16.35 0.32 -9.01
CA PHE A 160 -15.36 1.24 -9.57
C PHE A 160 -14.17 0.56 -10.25
N ASP A 161 -13.91 -0.71 -9.91
CA ASP A 161 -12.89 -1.48 -10.61
C ASP A 161 -13.40 -2.62 -11.47
N GLY A 162 -14.71 -2.73 -11.63
CA GLY A 162 -15.27 -3.81 -12.41
C GLY A 162 -15.31 -5.16 -11.70
N GLY A 163 -14.82 -5.22 -10.46
CA GLY A 163 -14.76 -6.45 -9.70
C GLY A 163 -15.35 -6.29 -8.32
N ASP A 164 -15.21 -7.31 -7.48
CA ASP A 164 -15.78 -7.18 -6.16
C ASP A 164 -15.11 -6.13 -5.29
N GLN A 165 -13.83 -5.86 -5.47
CA GLN A 165 -13.14 -4.99 -4.52
C GLN A 165 -13.69 -3.58 -4.51
N GLY A 166 -14.01 -3.06 -5.69
CA GLY A 166 -14.54 -1.71 -5.76
C GLY A 166 -15.87 -1.58 -5.03
N ILE A 167 -16.82 -2.46 -5.35
CA ILE A 167 -18.12 -2.38 -4.75
C ILE A 167 -18.05 -2.65 -3.24
N LEU A 168 -17.22 -3.62 -2.82
CA LEU A 168 -17.06 -3.89 -1.39
C LEU A 168 -16.47 -2.67 -0.67
N ASN A 169 -15.49 -2.00 -1.25
CA ASN A 169 -14.94 -0.78 -0.65
C ASN A 169 -15.96 0.36 -0.60
N THR A 170 -16.77 0.48 -1.63
CA THR A 170 -17.82 1.49 -1.68
C THR A 170 -18.90 1.21 -0.64
N PHE A 171 -19.29 -0.05 -0.48
CA PHE A 171 -20.31 -0.38 0.49
C PHE A 171 -19.80 -0.23 1.93
N PHE A 172 -18.61 -0.76 2.17
CA PHE A 172 -17.96 -0.70 3.47
C PHE A 172 -16.96 0.47 3.47
N SER A 173 -17.49 1.68 3.26
CA SER A 173 -16.67 2.86 2.99
C SER A 173 -16.04 3.49 4.25
N SER A 174 -16.47 3.05 5.44
CA SER A 174 -15.91 3.56 6.70
C SER A 174 -14.57 2.94 7.07
N TRP A 175 -14.15 1.92 6.32
CA TRP A 175 -13.00 1.12 6.72
C TRP A 175 -11.74 1.98 7.01
N ALA A 176 -11.40 2.88 6.11
CA ALA A 176 -10.14 3.59 6.25
C ALA A 176 -10.07 4.50 7.46
N THR A 177 -11.23 5.00 7.91
CA THR A 177 -11.27 6.05 8.92
C THR A 177 -11.88 5.64 10.25
N THR A 178 -12.46 4.46 10.33
CA THR A 178 -13.22 4.04 11.50
C THR A 178 -12.85 2.64 11.97
N ASP A 179 -12.54 2.56 13.25
CA ASP A 179 -12.33 1.32 13.95
C ASP A 179 -11.09 0.59 13.49
N ILE A 180 -9.96 0.93 14.08
CA ILE A 180 -8.69 0.36 13.73
C ILE A 180 -8.68 -1.18 13.89
N ARG A 181 -9.56 -1.73 14.74
CA ARG A 181 -9.62 -3.20 14.92
C ARG A 181 -10.15 -3.91 13.70
N LYS A 182 -10.78 -3.17 12.79
CA LYS A 182 -11.19 -3.73 11.51
C LYS A 182 -10.09 -3.67 10.43
N HIS A 183 -8.92 -3.08 10.77
CA HIS A 183 -7.72 -3.20 9.94
C HIS A 183 -6.97 -4.46 10.35
N LEU A 184 -7.09 -5.50 9.53
CA LEU A 184 -6.30 -6.68 9.78
C LEU A 184 -4.85 -6.32 9.52
N PRO A 185 -3.95 -6.80 10.36
CA PRO A 185 -2.53 -6.68 10.04
C PRO A 185 -2.22 -7.23 8.68
N PHE A 186 -1.31 -6.54 8.00
CA PHE A 186 -0.98 -6.84 6.63
C PHE A 186 -0.43 -8.27 6.48
N ILE A 187 0.13 -8.81 7.56
CA ILE A 187 0.57 -10.21 7.55
C ILE A 187 -0.53 -11.26 7.36
N TYR A 188 -1.81 -10.83 7.46
CA TYR A 188 -2.93 -11.72 7.17
C TYR A 188 -3.33 -11.68 5.68
N ASN A 189 -2.65 -10.87 4.89
CA ASN A 189 -2.86 -10.76 3.47
C ASN A 189 -1.67 -10.11 2.82
N LEU A 190 -0.57 -10.85 2.83
CA LEU A 190 0.69 -10.31 2.34
C LEU A 190 0.73 -10.51 0.87
N SER A 191 0.51 -9.44 0.10
CA SER A 191 0.38 -9.61 -1.34
C SER A 191 1.65 -9.37 -2.10
N SER A 192 1.58 -9.79 -3.38
CA SER A 192 2.69 -9.70 -4.32
C SER A 192 3.45 -8.40 -4.27
N ILE A 193 2.78 -7.30 -4.61
CA ILE A 193 3.48 -6.01 -4.70
C ILE A 193 4.46 -5.90 -3.54
N SER A 194 4.02 -6.25 -2.33
CA SER A 194 4.78 -5.94 -1.13
C SER A 194 5.90 -6.93 -0.85
N ILE A 195 5.90 -8.06 -1.54
CA ILE A 195 6.97 -9.05 -1.42
C ILE A 195 8.23 -8.54 -2.13
N TYR A 196 8.07 -7.65 -3.14
CA TYR A 196 9.16 -7.20 -3.98
C TYR A 196 9.43 -5.70 -4.01
N SER A 197 8.52 -4.88 -3.47
CA SER A 197 8.59 -3.44 -3.60
C SER A 197 9.49 -2.77 -2.56
N TYR A 198 9.21 -2.99 -1.28
CA TYR A 198 9.98 -2.35 -0.21
C TYR A 198 10.69 -3.48 0.55
N LEU A 199 11.80 -3.92 -0.06
CA LEU A 199 12.49 -5.14 0.37
C LEU A 199 12.92 -5.06 1.83
N PRO A 200 13.41 -3.89 2.29
CA PRO A 200 13.75 -3.88 3.70
C PRO A 200 12.62 -4.16 4.70
N ALA A 201 11.39 -3.75 4.38
CA ALA A 201 10.26 -4.05 5.23
C ALA A 201 9.96 -5.55 5.24
N PHE A 202 9.95 -6.19 4.06
CA PHE A 202 9.78 -7.65 4.02
C PHE A 202 10.87 -8.35 4.85
N LYS A 203 12.10 -7.86 4.72
CA LYS A 203 13.22 -8.47 5.44
C LYS A 203 13.01 -8.48 6.97
N VAL A 204 12.37 -7.44 7.54
CA VAL A 204 12.19 -7.38 8.99
CA VAL A 204 12.18 -7.36 8.99
C VAL A 204 10.81 -7.86 9.46
N PHE A 205 9.79 -7.75 8.62
CA PHE A 205 8.42 -8.12 9.01
C PHE A 205 7.88 -9.39 8.33
N GLY A 206 8.51 -9.81 7.24
CA GLY A 206 7.98 -10.87 6.39
C GLY A 206 7.97 -12.26 7.00
N ALA A 207 8.89 -12.53 7.93
CA ALA A 207 8.92 -13.83 8.63
C ALA A 207 7.65 -14.12 9.45
N SER A 208 6.91 -13.06 9.79
CA SER A 208 5.70 -13.15 10.58
C SER A 208 4.44 -13.39 9.73
N ALA A 209 4.63 -13.52 8.41
CA ALA A 209 3.52 -13.67 7.45
C ALA A 209 2.68 -14.86 7.84
N LYS A 210 1.37 -14.66 7.84
CA LYS A 210 0.38 -15.71 8.11
C LYS A 210 -0.33 -16.16 6.83
N VAL A 211 -0.49 -15.27 5.85
CA VAL A 211 -1.19 -15.57 4.61
C VAL A 211 -0.45 -14.85 3.53
N VAL A 212 -0.09 -15.58 2.47
CA VAL A 212 0.49 -14.97 1.26
C VAL A 212 -0.57 -14.97 0.16
N HIS A 213 -0.61 -13.90 -0.61
CA HIS A 213 -1.63 -13.67 -1.63
C HIS A 213 -0.93 -13.46 -2.97
N PHE A 214 -1.08 -14.42 -3.88
CA PHE A 214 -0.45 -14.38 -5.19
C PHE A 214 -1.21 -13.51 -6.20
N LEU A 215 -1.43 -12.27 -5.78
CA LEU A 215 -2.19 -11.27 -6.50
C LEU A 215 -1.50 -10.99 -7.81
N GLY A 216 -2.30 -10.90 -8.88
CA GLY A 216 -1.78 -10.54 -10.20
C GLY A 216 -2.13 -11.56 -11.24
N ARG A 217 -1.83 -11.24 -12.50
CA ARG A 217 -2.25 -12.06 -13.64
C ARG A 217 -1.63 -13.47 -13.72
N VAL A 218 -0.37 -13.60 -13.36
CA VAL A 218 0.29 -14.89 -13.39
C VAL A 218 0.10 -15.56 -12.03
N LYS A 219 -0.60 -16.68 -12.05
CA LYS A 219 -0.94 -17.39 -10.84
C LYS A 219 0.02 -18.52 -10.60
N PRO A 220 0.05 -19.07 -9.35
CA PRO A 220 1.03 -20.11 -9.14
C PRO A 220 0.91 -21.29 -10.12
N TRP A 221 -0.32 -21.63 -10.48
CA TRP A 221 -0.60 -22.79 -11.29
C TRP A 221 -0.24 -22.56 -12.76
N ASN A 222 0.17 -21.34 -13.11
CA ASN A 222 0.60 -21.01 -14.45
C ASN A 222 2.13 -21.17 -14.62
N TYR A 223 2.83 -21.41 -13.52
CA TYR A 223 4.27 -21.71 -13.60
C TYR A 223 4.53 -23.16 -13.94
N THR A 224 5.72 -23.40 -14.51
CA THR A 224 6.20 -24.75 -14.80
C THR A 224 7.09 -25.12 -13.64
N TYR A 225 6.66 -26.11 -12.87
CA TYR A 225 7.34 -26.58 -11.69
C TYR A 225 8.00 -27.94 -11.93
N ASP A 226 9.26 -28.06 -11.52
CA ASP A 226 10.01 -29.32 -11.56
C ASP A 226 10.07 -29.92 -10.15
N PRO A 227 9.30 -31.00 -9.90
CA PRO A 227 9.33 -31.56 -8.57
C PRO A 227 10.64 -32.22 -8.14
N LYS A 228 11.51 -32.57 -9.09
CA LYS A 228 12.76 -33.23 -8.75
C LYS A 228 13.70 -32.24 -8.06
N THR A 229 13.81 -31.06 -8.63
CA THR A 229 14.73 -30.05 -8.10
C THR A 229 14.02 -29.02 -7.22
N LYS A 230 12.70 -28.95 -7.32
CA LYS A 230 11.87 -27.95 -6.60
C LYS A 230 12.10 -26.53 -7.12
N SER A 231 12.09 -26.40 -8.43
CA SER A 231 12.24 -25.08 -9.04
C SER A 231 11.16 -24.82 -10.04
N VAL A 232 10.95 -23.54 -10.32
CA VAL A 232 10.05 -23.15 -11.40
C VAL A 232 10.87 -22.48 -12.48
N LYS A 233 10.37 -22.51 -13.70
CA LYS A 233 10.89 -21.65 -14.75
CA LYS A 233 10.90 -21.64 -14.75
C LYS A 233 10.23 -20.29 -14.57
N SER A 234 10.99 -19.22 -14.78
CA SER A 234 10.46 -17.87 -14.67
C SER A 234 10.78 -17.10 -15.95
N GLU A 235 9.84 -16.26 -16.37
CA GLU A 235 10.09 -15.32 -17.44
C GLU A 235 11.09 -14.30 -16.91
N ALA A 236 12.13 -14.03 -17.71
CA ALA A 236 13.27 -13.22 -17.28
C ALA A 236 12.89 -11.94 -16.52
N HIS A 237 11.69 -11.41 -16.76
CA HIS A 237 11.19 -10.26 -16.01
C HIS A 237 10.00 -10.64 -15.14
N ASP A 238 10.27 -11.34 -14.03
CA ASP A 238 9.24 -11.70 -13.06
C ASP A 238 9.62 -11.25 -11.66
N PRO A 239 9.11 -10.09 -11.23
CA PRO A 239 9.34 -9.56 -9.87
C PRO A 239 9.03 -10.52 -8.71
N ASN A 240 8.08 -11.44 -8.90
CA ASN A 240 7.61 -12.32 -7.81
C ASN A 240 8.52 -13.53 -7.53
N MET A 241 9.65 -13.55 -8.24
CA MET A 241 10.73 -14.49 -8.01
C MET A 241 11.82 -13.89 -7.15
N THR A 242 11.60 -12.68 -6.63
CA THR A 242 12.55 -12.06 -5.71
C THR A 242 12.59 -12.89 -4.44
N HIS A 243 11.39 -13.23 -3.94
CA HIS A 243 11.24 -14.15 -2.81
C HIS A 243 10.37 -15.34 -3.19
N PRO A 244 11.00 -16.36 -3.82
CA PRO A 244 10.26 -17.44 -4.42
C PRO A 244 9.79 -18.54 -3.48
N GLU A 245 10.19 -18.48 -2.20
CA GLU A 245 9.84 -19.49 -1.20
C GLU A 245 8.32 -19.74 -1.13
N PHE A 246 7.53 -18.69 -1.31
CA PHE A 246 6.07 -18.84 -1.22
C PHE A 246 5.49 -19.64 -2.38
N LEU A 247 5.94 -19.34 -3.59
CA LEU A 247 5.60 -20.08 -4.80
C LEU A 247 6.04 -21.53 -4.72
N ILE A 248 7.23 -21.79 -4.21
CA ILE A 248 7.66 -23.18 -4.11
C ILE A 248 6.82 -23.90 -3.04
N LEU A 249 6.46 -23.22 -1.94
CA LEU A 249 5.57 -23.87 -0.94
C LEU A 249 4.22 -24.23 -1.57
N TRP A 250 3.67 -23.31 -2.38
CA TRP A 250 2.40 -23.56 -3.07
C TRP A 250 2.53 -24.87 -3.86
N TRP A 251 3.61 -24.99 -4.62
CA TRP A 251 3.84 -26.15 -5.49
C TRP A 251 4.14 -27.40 -4.69
N ASN A 252 4.79 -27.25 -3.54
CA ASN A 252 5.00 -28.39 -2.72
C ASN A 252 3.70 -28.97 -2.16
N ILE A 253 2.81 -28.09 -1.70
CA ILE A 253 1.50 -28.53 -1.24
C ILE A 253 0.70 -29.10 -2.40
N PHE A 254 0.71 -28.43 -3.54
CA PHE A 254 0.02 -29.00 -4.68
C PHE A 254 0.52 -30.42 -5.03
N THR A 255 1.84 -30.57 -5.13
CA THR A 255 2.43 -31.81 -5.62
C THR A 255 2.23 -32.94 -4.62
N THR A 256 2.35 -32.63 -3.33
CA THR A 256 2.36 -33.64 -2.24
C THR A 256 0.98 -33.95 -1.68
N ASN A 257 0.12 -32.94 -1.59
CA ASN A 257 -1.18 -33.09 -0.91
C ASN A 257 -2.36 -33.04 -1.83
N VAL A 258 -2.28 -32.27 -2.91
CA VAL A 258 -3.41 -32.18 -3.83
C VAL A 258 -3.34 -33.19 -4.95
N LEU A 259 -2.16 -33.39 -5.53
CA LEU A 259 -2.04 -34.25 -6.70
C LEU A 259 -2.59 -35.66 -6.45
N PRO A 260 -2.32 -36.26 -5.25
CA PRO A 260 -2.89 -37.59 -5.02
C PRO A 260 -4.43 -37.64 -5.03
N LEU A 261 -5.08 -36.54 -4.63
CA LEU A 261 -6.55 -36.44 -4.66
C LEU A 261 -7.11 -36.31 -6.09
N LEU A 262 -6.26 -35.95 -7.07
CA LEU A 262 -6.69 -35.76 -8.47
C LEU A 262 -6.62 -37.04 -9.30
N GLN A 263 -6.19 -38.14 -8.70
CA GLN A 263 -6.12 -39.44 -9.37
C GLN A 263 -7.47 -39.79 -10.01
N SER B 1 -4.60 30.23 11.68
CA SER B 1 -3.35 31.01 11.93
C SER B 1 -2.53 30.38 13.06
N MET B 2 -1.22 30.28 12.87
CA MET B 2 -0.35 29.74 13.92
C MET B 2 1.13 30.14 13.77
N THR B 3 1.53 31.14 14.55
CA THR B 3 2.94 31.56 14.67
C THR B 3 3.85 30.45 15.23
N ASP B 4 3.28 29.58 16.08
CA ASP B 4 4.06 28.55 16.75
C ASP B 4 3.95 27.19 16.07
N GLN B 5 3.42 27.16 14.86
CA GLN B 5 3.37 25.89 14.06
C GLN B 5 4.01 26.11 12.71
N ALA B 6 4.62 25.05 12.16
CA ALA B 6 5.36 25.14 10.90
C ALA B 6 5.27 23.90 10.04
N PHE B 7 5.37 24.10 8.73
CA PHE B 7 5.77 23.07 7.81
C PHE B 7 7.27 23.07 7.76
N VAL B 8 7.86 21.88 7.70
CA VAL B 8 9.32 21.71 7.75
C VAL B 8 9.76 20.77 6.64
N THR B 9 10.77 21.15 5.86
CA THR B 9 11.38 20.26 4.87
C THR B 9 12.88 20.21 5.05
N LEU B 10 13.53 19.43 4.19
CA LEU B 10 14.95 19.12 4.30
C LEU B 10 15.58 19.12 2.94
N THR B 11 16.73 19.81 2.82
CA THR B 11 17.56 19.60 1.67
C THR B 11 19.04 19.55 2.01
N THR B 12 19.72 18.53 1.49
CA THR B 12 21.14 18.39 1.73
C THR B 12 21.98 18.88 0.55
N ASN B 13 21.32 19.30 -0.53
CA ASN B 13 22.03 19.75 -1.70
C ASN B 13 21.20 20.67 -2.57
N ASP B 14 21.79 21.20 -3.63
CA ASP B 14 21.11 22.19 -4.45
C ASP B 14 20.02 21.58 -5.34
N ALA B 15 20.10 20.27 -5.60
CA ALA B 15 19.12 19.57 -6.42
C ALA B 15 17.81 19.40 -5.67
N TYR B 16 17.87 18.82 -4.49
CA TYR B 16 16.67 18.75 -3.68
C TYR B 16 16.17 20.13 -3.25
N ALA B 17 17.04 21.13 -3.25
CA ALA B 17 16.61 22.47 -2.94
C ALA B 17 15.59 22.98 -3.96
N LYS B 18 15.69 22.56 -5.20
CA LYS B 18 14.69 22.91 -6.18
C LYS B 18 13.32 22.35 -5.77
N GLY B 19 13.31 21.11 -5.30
CA GLY B 19 12.10 20.56 -4.72
C GLY B 19 11.54 21.31 -3.54
N ALA B 20 12.41 21.66 -2.60
CA ALA B 20 11.99 22.40 -1.42
C ALA B 20 11.36 23.72 -1.85
N LEU B 21 11.98 24.40 -2.81
CA LEU B 21 11.43 25.68 -3.28
C LEU B 21 10.06 25.54 -3.94
N VAL B 22 9.86 24.49 -4.74
CA VAL B 22 8.57 24.24 -5.31
C VAL B 22 7.53 23.88 -4.26
N LEU B 23 7.92 23.02 -3.30
CA LEU B 23 7.03 22.69 -2.18
C LEU B 23 6.60 23.95 -1.44
N GLY B 24 7.57 24.79 -1.09
CA GLY B 24 7.25 26.00 -0.31
C GLY B 24 6.41 26.94 -1.11
N SER B 25 6.70 27.07 -2.41
CA SER B 25 5.88 27.90 -3.28
CA SER B 25 5.88 27.90 -3.28
C SER B 25 4.43 27.40 -3.32
N SER B 26 4.26 26.09 -3.41
CA SER B 26 2.95 25.50 -3.41
C SER B 26 2.20 25.71 -2.10
N LEU B 27 2.87 25.65 -0.94
CA LEU B 27 2.23 25.96 0.33
C LEU B 27 1.76 27.41 0.40
N LYS B 28 2.53 28.32 -0.19
CA LYS B 28 2.10 29.73 -0.29
C LYS B 28 0.92 29.88 -1.25
N GLN B 29 0.95 29.17 -2.37
CA GLN B 29 -0.12 29.21 -3.35
C GLN B 29 -1.45 28.87 -2.67
N HIS B 30 -1.42 27.90 -1.77
CA HIS B 30 -2.64 27.45 -1.08
C HIS B 30 -2.88 28.09 0.28
N ARG B 31 -2.24 29.23 0.49
CA ARG B 31 -2.57 30.18 1.57
C ARG B 31 -2.36 29.59 2.95
N THR B 32 -1.25 28.91 3.17
CA THR B 32 -0.99 28.47 4.50
C THR B 32 -0.87 29.66 5.45
N THR B 33 -1.34 29.49 6.66
CA THR B 33 -1.12 30.49 7.71
C THR B 33 -0.01 30.11 8.66
N ARG B 34 0.67 28.99 8.38
CA ARG B 34 1.77 28.55 9.25
C ARG B 34 3.13 28.99 8.75
N ARG B 35 4.13 28.89 9.59
CA ARG B 35 5.53 29.17 9.18
C ARG B 35 6.07 28.08 8.27
N LEU B 36 7.05 28.47 7.44
CA LEU B 36 7.74 27.56 6.51
C LEU B 36 9.19 27.50 6.89
N VAL B 37 9.68 26.30 7.17
CA VAL B 37 11.04 26.05 7.59
C VAL B 37 11.73 25.02 6.68
N VAL B 38 12.98 25.28 6.34
CA VAL B 38 13.78 24.30 5.65
C VAL B 38 15.07 24.03 6.45
N LEU B 39 15.32 22.76 6.74
CA LEU B 39 16.62 22.29 7.26
C LEU B 39 17.57 22.11 6.08
N ALA B 40 18.77 22.72 6.17
CA ALA B 40 19.75 22.68 5.08
C ALA B 40 21.10 22.32 5.66
N THR B 41 21.90 21.61 4.88
CA THR B 41 23.21 21.14 5.31
C THR B 41 24.27 21.93 4.54
N PRO B 42 25.57 21.77 4.91
CA PRO B 42 26.63 22.59 4.31
C PRO B 42 26.85 22.48 2.78
N GLN B 43 26.42 21.38 2.19
CA GLN B 43 26.57 21.16 0.76
C GLN B 43 25.61 22.07 -0.04
N VAL B 44 24.62 22.66 0.62
CA VAL B 44 23.74 23.63 -0.05
C VAL B 44 24.54 24.89 -0.23
N SER B 45 24.60 25.39 -1.46
CA SER B 45 25.47 26.52 -1.79
C SER B 45 24.99 27.79 -1.09
N ASP B 46 25.91 28.73 -0.85
CA ASP B 46 25.53 29.99 -0.26
C ASP B 46 24.46 30.72 -1.06
N SER B 47 24.58 30.74 -2.39
CA SER B 47 23.59 31.40 -3.21
C SER B 47 22.23 30.73 -3.06
N MET B 48 22.21 29.39 -3.02
CA MET B 48 20.96 28.67 -2.88
C MET B 48 20.34 28.89 -1.50
N ARG B 49 21.16 28.98 -0.45
CA ARG B 49 20.61 29.27 0.87
C ARG B 49 19.87 30.60 0.87
N LYS B 50 20.42 31.59 0.16
CA LYS B 50 19.80 32.89 0.10
C LYS B 50 18.48 32.82 -0.65
N VAL B 51 18.42 32.03 -1.71
CA VAL B 51 17.15 31.85 -2.45
C VAL B 51 16.14 31.15 -1.53
N LEU B 52 16.58 30.15 -0.78
CA LEU B 52 15.67 29.48 0.16
C LEU B 52 15.07 30.45 1.16
N GLU B 53 15.85 31.45 1.54
CA GLU B 53 15.34 32.52 2.43
C GLU B 53 14.16 33.33 1.84
N THR B 54 14.00 33.35 0.51
CA THR B 54 12.83 34.05 -0.11
C THR B 54 11.50 33.29 0.03
N VAL B 55 11.57 31.97 0.12
CA VAL B 55 10.39 31.13 0.22
C VAL B 55 10.15 30.73 1.66
N PHE B 56 11.21 30.40 2.40
CA PHE B 56 11.06 29.91 3.75
C PHE B 56 11.25 31.02 4.76
N ASP B 57 10.46 30.95 5.82
CA ASP B 57 10.60 31.89 6.93
C ASP B 57 11.89 31.65 7.71
N GLU B 58 12.32 30.38 7.87
CA GLU B 58 13.60 30.03 8.52
C GLU B 58 14.34 29.04 7.63
N VAL B 59 15.62 29.30 7.40
CA VAL B 59 16.55 28.34 6.84
C VAL B 59 17.48 27.99 7.98
N ILE B 60 17.43 26.75 8.43
CA ILE B 60 18.13 26.32 9.63
C ILE B 60 19.22 25.36 9.21
N MET B 61 20.47 25.74 9.45
CA MET B 61 21.61 24.92 9.10
C MET B 61 21.85 23.85 10.13
N VAL B 62 21.96 22.61 9.65
CA VAL B 62 22.18 21.45 10.50
C VAL B 62 23.26 20.56 9.91
N ASP B 63 23.79 19.68 10.74
CA ASP B 63 24.79 18.70 10.30
C ASP B 63 24.10 17.54 9.59
N VAL B 64 24.73 17.05 8.52
CA VAL B 64 24.33 15.79 7.92
C VAL B 64 24.42 14.64 8.93
N LEU B 65 23.35 13.86 9.04
CA LEU B 65 23.35 12.60 9.74
C LEU B 65 23.21 11.52 8.68
N ASP B 66 24.14 10.57 8.65
CA ASP B 66 24.22 9.58 7.59
C ASP B 66 24.29 8.19 8.24
N SER B 67 23.34 7.32 7.90
CA SER B 67 23.33 5.96 8.46
C SER B 67 24.59 5.15 8.08
N GLY B 68 25.17 5.46 6.92
CA GLY B 68 26.23 4.62 6.33
C GLY B 68 25.80 3.20 6.00
N ASP B 69 24.50 2.94 5.96
CA ASP B 69 23.96 1.59 5.87
C ASP B 69 23.83 1.14 4.41
N SER B 70 24.98 0.90 3.78
CA SER B 70 25.00 0.53 2.36
C SER B 70 24.24 -0.77 2.11
N ALA B 71 24.24 -1.69 3.07
CA ALA B 71 23.55 -2.98 2.88
C ALA B 71 22.07 -2.73 2.63
N HIS B 72 21.41 -1.99 3.52
CA HIS B 72 19.97 -1.78 3.39
C HIS B 72 19.65 -0.82 2.25
N LEU B 73 20.49 0.20 2.07
CA LEU B 73 20.29 1.18 1.01
C LEU B 73 20.42 0.58 -0.39
N THR B 74 21.45 -0.25 -0.61
CA THR B 74 21.64 -0.92 -1.89
C THR B 74 20.53 -1.94 -2.12
N LEU B 75 20.04 -2.53 -1.04
CA LEU B 75 18.87 -3.39 -1.12
C LEU B 75 17.69 -2.70 -1.84
N MET B 76 17.51 -1.39 -1.61
CA MET B 76 16.44 -0.61 -2.24
C MET B 76 16.82 0.02 -3.56
N LYS B 77 18.07 -0.18 -3.97
CA LYS B 77 18.66 0.54 -5.08
C LYS B 77 18.53 2.05 -4.91
N ARG B 78 18.71 2.51 -3.67
CA ARG B 78 18.74 3.95 -3.36
C ARG B 78 19.93 4.20 -2.47
N PRO B 79 21.15 4.01 -3.01
CA PRO B 79 22.36 4.12 -2.20
C PRO B 79 22.61 5.50 -1.56
N GLU B 80 21.91 6.53 -2.04
CA GLU B 80 22.12 7.91 -1.62
C GLU B 80 21.27 8.31 -0.41
N LEU B 81 20.35 7.44 0.01
CA LEU B 81 19.40 7.84 1.05
C LEU B 81 19.89 7.72 2.49
N GLY B 82 21.15 7.38 2.73
CA GLY B 82 21.64 7.34 4.11
C GLY B 82 21.56 8.69 4.80
N VAL B 83 21.62 9.75 4.02
CA VAL B 83 21.60 11.09 4.56
C VAL B 83 20.20 11.50 5.00
N THR B 84 19.19 10.67 4.75
CA THR B 84 17.85 11.01 5.24
C THR B 84 17.70 10.95 6.75
N LEU B 85 18.67 10.38 7.49
CA LEU B 85 18.63 10.50 8.96
CA LEU B 85 18.65 10.50 8.95
C LEU B 85 18.72 11.95 9.39
N THR B 86 19.18 12.85 8.50
CA THR B 86 19.23 14.28 8.80
C THR B 86 17.83 14.83 9.12
N LYS B 87 16.79 14.16 8.62
CA LYS B 87 15.43 14.53 9.01
C LYS B 87 15.21 14.60 10.51
N LEU B 88 15.92 13.78 11.27
CA LEU B 88 15.70 13.68 12.71
C LEU B 88 15.85 15.02 13.42
N HIS B 89 16.64 15.92 12.83
CA HIS B 89 16.80 17.25 13.40
C HIS B 89 15.47 18.01 13.48
N CYS B 90 14.45 17.57 12.75
CA CYS B 90 13.18 18.28 12.78
C CYS B 90 12.60 18.31 14.21
N TRP B 91 12.92 17.29 15.03
CA TRP B 91 12.49 17.26 16.42
C TRP B 91 13.19 18.26 17.32
N SER B 92 14.26 18.88 16.86
CA SER B 92 14.97 19.90 17.65
C SER B 92 14.30 21.27 17.61
N LEU B 93 13.28 21.45 16.75
CA LEU B 93 12.71 22.77 16.49
C LEU B 93 11.69 23.17 17.57
N THR B 94 12.14 23.28 18.83
CA THR B 94 11.23 23.50 19.94
C THR B 94 10.66 24.93 20.04
N GLN B 95 11.08 25.80 19.14
CA GLN B 95 10.38 27.08 18.93
C GLN B 95 8.93 26.88 18.39
N TYR B 96 8.62 25.67 17.88
CA TYR B 96 7.26 25.31 17.43
C TYR B 96 6.68 24.26 18.32
N SER B 97 5.35 24.35 18.55
CA SER B 97 4.59 23.41 19.36
C SER B 97 4.21 22.17 18.58
N LYS B 98 4.02 22.35 17.27
CA LYS B 98 3.60 21.27 16.38
C LYS B 98 4.04 21.60 14.98
N CYS B 99 4.49 20.58 14.24
CA CYS B 99 4.97 20.77 12.87
C CYS B 99 4.51 19.64 11.99
N VAL B 100 4.50 19.94 10.70
CA VAL B 100 4.31 18.93 9.66
C VAL B 100 5.63 18.85 8.89
N PHE B 101 6.25 17.68 8.92
CA PHE B 101 7.40 17.44 8.07
C PHE B 101 6.93 17.01 6.69
N MET B 102 7.49 17.61 5.65
CA MET B 102 7.21 17.19 4.28
C MET B 102 8.49 17.04 3.50
N ASP B 103 8.67 15.89 2.84
CA ASP B 103 9.79 15.62 1.95
C ASP B 103 9.92 16.70 0.84
N ALA B 104 11.13 16.96 0.40
CA ALA B 104 11.35 18.01 -0.63
C ALA B 104 10.88 17.59 -2.03
N ASP B 105 10.51 16.30 -2.21
CA ASP B 105 9.88 15.83 -3.42
C ASP B 105 8.36 15.69 -3.29
N THR B 106 7.75 16.52 -2.46
CA THR B 106 6.31 16.62 -2.39
C THR B 106 5.82 17.94 -2.95
N LEU B 107 4.51 18.01 -3.21
CA LEU B 107 3.90 19.15 -3.87
C LEU B 107 2.48 19.27 -3.33
N VAL B 108 2.13 20.46 -2.84
CA VAL B 108 0.83 20.71 -2.25
C VAL B 108 -0.17 21.17 -3.30
N LEU B 109 -1.35 20.52 -3.27
CA LEU B 109 -2.42 20.74 -4.22
C LEU B 109 -3.64 21.45 -3.65
N ALA B 110 -3.73 21.55 -2.32
CA ALA B 110 -4.84 22.19 -1.64
C ALA B 110 -4.33 22.63 -0.28
N ASN B 111 -5.00 23.56 0.40
CA ASN B 111 -4.59 23.93 1.75
C ASN B 111 -4.70 22.70 2.63
N ILE B 112 -3.65 22.44 3.39
CA ILE B 112 -3.56 21.31 4.29
C ILE B 112 -3.30 21.74 5.73
N ASP B 113 -3.69 22.98 6.10
CA ASP B 113 -3.50 23.44 7.48
C ASP B 113 -4.31 22.63 8.48
N ASP B 114 -5.33 21.90 8.02
CA ASP B 114 -6.04 21.03 8.95
C ASP B 114 -5.25 19.85 9.47
N LEU B 115 -4.04 19.63 8.94
CA LEU B 115 -3.15 18.65 9.54
C LEU B 115 -2.72 19.01 10.97
N PHE B 116 -2.79 20.30 11.30
CA PHE B 116 -2.44 20.72 12.63
C PHE B 116 -3.47 20.36 13.73
N ASP B 117 -4.59 19.80 13.31
CA ASP B 117 -5.55 19.21 14.24
C ASP B 117 -5.06 17.84 14.72
N ARG B 118 -4.08 17.26 14.03
CA ARG B 118 -3.58 15.92 14.36
CA ARG B 118 -3.58 15.92 14.36
C ARG B 118 -2.48 15.98 15.41
N GLU B 119 -2.20 14.84 16.02
CA GLU B 119 -1.17 14.72 17.05
C GLU B 119 -0.05 13.81 16.64
N GLU B 120 1.11 13.97 17.26
CA GLU B 120 2.25 13.07 16.97
C GLU B 120 1.89 11.64 17.34
N LEU B 121 2.22 10.63 16.53
CA LEU B 121 2.77 10.73 15.17
C LEU B 121 1.65 10.34 14.20
N SER B 122 1.25 11.29 13.37
CA SER B 122 0.21 11.09 12.36
C SER B 122 0.88 11.09 10.97
N ALA B 123 0.61 10.03 10.20
CA ALA B 123 1.19 9.82 8.88
C ALA B 123 0.27 8.94 8.06
N ALA B 124 0.45 8.99 6.75
CA ALA B 124 -0.29 8.11 5.81
C ALA B 124 0.41 6.77 5.58
N PRO B 125 -0.37 5.75 5.23
CA PRO B 125 0.26 4.48 4.91
C PRO B 125 1.18 4.50 3.71
N ASP B 126 2.23 3.67 3.78
CA ASP B 126 3.12 3.49 2.66
C ASP B 126 2.64 2.37 1.71
N PRO B 127 2.52 2.67 0.42
CA PRO B 127 2.04 1.62 -0.47
C PRO B 127 2.94 0.39 -0.53
N GLY B 128 4.24 0.56 -0.38
CA GLY B 128 5.16 -0.58 -0.39
C GLY B 128 5.00 -1.60 0.74
N TRP B 129 4.62 -1.14 1.92
CA TRP B 129 4.29 -1.98 3.09
C TRP B 129 3.30 -1.20 3.96
N PRO B 130 1.99 -1.43 3.76
CA PRO B 130 1.05 -0.44 4.31
C PRO B 130 0.81 -0.49 5.80
N ASP B 131 1.42 -1.40 6.51
CA ASP B 131 1.46 -1.33 7.97
C ASP B 131 2.63 -0.47 8.50
N CYS B 132 3.41 0.08 7.58
CA CYS B 132 4.35 1.16 7.88
C CYS B 132 3.75 2.44 7.36
N PHE B 133 4.00 3.56 8.05
CA PHE B 133 3.69 4.85 7.48
C PHE B 133 4.81 5.35 6.57
N ASN B 134 4.42 6.13 5.57
CA ASN B 134 5.41 6.82 4.76
C ASN B 134 5.88 8.06 5.48
N SER B 135 7.19 8.25 5.59
CA SER B 135 7.76 9.36 6.34
C SER B 135 7.95 10.63 5.53
N GLY B 136 7.33 10.70 4.36
CA GLY B 136 7.39 11.91 3.56
C GLY B 136 6.42 13.02 3.97
N VAL B 137 5.42 12.67 4.77
CA VAL B 137 4.48 13.66 5.34
C VAL B 137 4.08 13.20 6.72
N PHE B 138 4.43 13.95 7.76
CA PHE B 138 4.03 13.52 9.08
C PHE B 138 3.89 14.66 10.04
N VAL B 139 2.95 14.52 10.96
CA VAL B 139 2.66 15.50 11.98
C VAL B 139 3.39 15.09 13.27
N TYR B 140 4.18 16.00 13.81
CA TYR B 140 4.97 15.67 15.00
C TYR B 140 5.07 16.86 15.93
N GLN B 141 5.61 16.61 17.12
CA GLN B 141 5.73 17.61 18.20
C GLN B 141 7.22 17.75 18.54
N PRO B 142 7.84 18.88 18.20
CA PRO B 142 9.24 19.02 18.54
C PRO B 142 9.47 18.79 20.03
N SER B 143 10.60 18.15 20.36
CA SER B 143 10.89 17.77 21.72
C SER B 143 12.36 17.41 21.81
N VAL B 144 13.08 18.02 22.75
CA VAL B 144 14.50 17.70 22.89
C VAL B 144 14.62 16.27 23.40
N GLU B 145 13.63 15.81 24.19
CA GLU B 145 13.61 14.44 24.61
C GLU B 145 13.46 13.49 23.41
N THR B 146 12.39 13.65 22.62
CA THR B 146 12.17 12.77 21.46
C THR B 146 13.33 12.81 20.48
N TYR B 147 13.85 14.01 20.23
CA TYR B 147 15.04 14.20 19.42
C TYR B 147 16.19 13.32 19.85
N ASN B 148 16.53 13.38 21.15
CA ASN B 148 17.66 12.60 21.65
C ASN B 148 17.40 11.11 21.67
N GLN B 149 16.15 10.72 21.92
CA GLN B 149 15.82 9.33 21.88
C GLN B 149 16.00 8.78 20.46
N LEU B 150 15.59 9.56 19.46
CA LEU B 150 15.73 9.14 18.07
C LEU B 150 17.19 9.08 17.64
N LEU B 151 17.99 10.08 18.02
CA LEU B 151 19.42 10.07 17.70
C LEU B 151 20.08 8.82 18.30
N HIS B 152 19.71 8.51 19.54
CA HIS B 152 20.29 7.38 20.23
C HIS B 152 19.90 6.08 19.55
N LEU B 153 18.62 5.91 19.26
CA LEU B 153 18.14 4.72 18.54
C LEU B 153 18.89 4.56 17.22
N ALA B 154 19.02 5.65 16.46
CA ALA B 154 19.78 5.66 15.21
C ALA B 154 21.24 5.24 15.39
N SER B 155 21.88 5.73 16.44
CA SER B 155 23.28 5.43 16.73
C SER B 155 23.45 3.97 17.14
N GLU B 156 22.54 3.46 17.96
CA GLU B 156 22.72 2.12 18.50
C GLU B 156 22.33 1.05 17.50
N GLN B 157 21.15 1.21 16.91
CA GLN B 157 20.46 0.15 16.20
C GLN B 157 20.33 0.46 14.71
N GLY B 158 20.51 1.73 14.32
CA GLY B 158 20.34 2.13 12.94
C GLY B 158 18.89 2.06 12.51
N SER B 159 18.69 1.79 11.22
CA SER B 159 17.37 1.80 10.60
C SER B 159 17.22 0.58 9.70
N PHE B 160 16.05 -0.04 9.74
CA PHE B 160 15.84 -1.27 8.95
C PHE B 160 15.90 -1.03 7.45
N ASP B 161 15.75 0.22 7.00
CA ASP B 161 15.91 0.55 5.59
C ASP B 161 17.08 1.45 5.28
N GLY B 162 17.94 1.72 6.27
CA GLY B 162 19.07 2.60 6.03
C GLY B 162 18.74 4.09 5.98
N GLY B 163 17.44 4.43 6.07
CA GLY B 163 17.01 5.82 6.06
C GLY B 163 16.13 6.19 7.23
N ASP B 164 15.49 7.36 7.17
CA ASP B 164 14.66 7.77 8.28
C ASP B 164 13.39 6.93 8.45
N GLN B 165 12.87 6.36 7.37
CA GLN B 165 11.54 5.73 7.46
C GLN B 165 11.60 4.51 8.34
N GLY B 166 12.66 3.74 8.23
CA GLY B 166 12.76 2.54 9.05
C GLY B 166 12.81 2.89 10.53
N ILE B 167 13.74 3.74 10.92
CA ILE B 167 13.85 4.09 12.31
C ILE B 167 12.60 4.79 12.82
N LEU B 168 11.99 5.68 12.06
CA LEU B 168 10.74 6.34 12.53
C LEU B 168 9.62 5.31 12.75
N ASN B 169 9.47 4.35 11.85
CA ASN B 169 8.47 3.27 12.02
C ASN B 169 8.75 2.41 13.24
N THR B 170 10.02 2.11 13.49
CA THR B 170 10.43 1.34 14.68
C THR B 170 10.14 2.11 15.96
N PHE B 171 10.42 3.40 15.97
CA PHE B 171 10.22 4.19 17.16
C PHE B 171 8.72 4.39 17.40
N PHE B 172 7.99 4.77 16.34
CA PHE B 172 6.57 5.00 16.41
C PHE B 172 5.83 3.74 15.95
N SER B 173 6.07 2.65 16.68
CA SER B 173 5.66 1.31 16.23
C SER B 173 4.17 1.03 16.49
N SER B 174 3.51 1.87 17.28
CA SER B 174 2.07 1.69 17.53
C SER B 174 1.18 2.13 16.38
N TRP B 175 1.75 2.78 15.36
CA TRP B 175 0.96 3.40 14.32
C TRP B 175 -0.06 2.47 13.65
N ALA B 176 0.34 1.28 13.23
CA ALA B 176 -0.57 0.44 12.45
C ALA B 176 -1.77 -0.03 13.23
N THR B 177 -1.63 -0.13 14.55
CA THR B 177 -2.65 -0.79 15.36
C THR B 177 -3.38 0.09 16.38
N THR B 178 -2.97 1.34 16.52
CA THR B 178 -3.43 2.21 17.59
C THR B 178 -3.79 3.59 17.05
N ASP B 179 -5.03 4.00 17.29
CA ASP B 179 -5.50 5.35 17.02
C ASP B 179 -5.62 5.65 15.53
N ILE B 180 -6.78 5.31 15.00
CA ILE B 180 -7.04 5.51 13.58
C ILE B 180 -6.92 7.01 13.19
N ARG B 181 -7.07 7.94 14.13
CA ARG B 181 -6.94 9.38 13.81
C ARG B 181 -5.51 9.73 13.45
N LYS B 182 -4.59 8.89 13.84
CA LYS B 182 -3.18 9.08 13.46
C LYS B 182 -2.83 8.51 12.09
N HIS B 183 -3.82 7.91 11.42
CA HIS B 183 -3.71 7.54 10.01
C HIS B 183 -4.19 8.70 9.18
N LEU B 184 -3.26 9.45 8.59
CA LEU B 184 -3.66 10.50 7.68
C LEU B 184 -4.27 9.83 6.46
N PRO B 185 -5.38 10.35 5.96
CA PRO B 185 -5.85 9.93 4.62
C PRO B 185 -4.74 9.94 3.57
N PHE B 186 -4.76 8.91 2.74
CA PHE B 186 -3.76 8.70 1.73
C PHE B 186 -3.64 9.91 0.77
N ILE B 187 -4.74 10.64 0.59
CA ILE B 187 -4.73 11.87 -0.18
C ILE B 187 -3.81 12.97 0.37
N TYR B 188 -3.35 12.86 1.63
CA TYR B 188 -2.32 13.79 2.16
C TYR B 188 -0.90 13.36 1.83
N ASN B 189 -0.73 12.26 1.12
CA ASN B 189 0.58 11.75 0.71
C ASN B 189 0.40 10.73 -0.39
N LEU B 190 -0.03 11.24 -1.54
CA LEU B 190 -0.38 10.36 -2.65
C LEU B 190 0.91 10.10 -3.42
N SER B 191 1.48 8.91 -3.27
CA SER B 191 2.74 8.62 -3.93
C SER B 191 2.45 8.06 -5.32
N SER B 192 3.22 8.47 -6.32
CA SER B 192 2.90 8.04 -7.70
C SER B 192 2.85 6.50 -7.90
N ILE B 193 3.45 5.69 -7.03
CA ILE B 193 3.30 4.23 -7.10
CA ILE B 193 3.30 4.24 -7.11
C ILE B 193 1.80 3.94 -7.19
N SER B 194 1.02 4.61 -6.35
CA SER B 194 -0.42 4.44 -6.34
C SER B 194 -1.10 5.27 -7.45
N ILE B 195 -0.36 6.20 -8.05
CA ILE B 195 -0.83 6.95 -9.24
C ILE B 195 -0.95 6.01 -10.45
N TYR B 196 -0.16 4.92 -10.47
CA TYR B 196 -0.08 4.03 -11.61
C TYR B 196 -0.45 2.56 -11.40
N SER B 197 -0.53 2.12 -10.14
CA SER B 197 -0.77 0.70 -9.84
C SER B 197 -2.21 0.24 -9.85
N TYR B 198 -3.10 0.98 -9.22
CA TYR B 198 -4.51 0.57 -9.16
C TYR B 198 -5.29 1.72 -9.75
N LEU B 199 -5.26 1.76 -11.08
CA LEU B 199 -5.77 2.90 -11.85
C LEU B 199 -7.25 3.18 -11.53
N PRO B 200 -8.06 2.11 -11.37
CA PRO B 200 -9.44 2.43 -10.98
C PRO B 200 -9.64 3.23 -9.69
N ALA B 201 -8.80 2.98 -8.68
CA ALA B 201 -8.87 3.71 -7.44
C ALA B 201 -8.49 5.17 -7.67
N PHE B 202 -7.41 5.38 -8.44
CA PHE B 202 -7.00 6.77 -8.72
C PHE B 202 -8.13 7.51 -9.45
N LYS B 203 -8.76 6.82 -10.38
CA LYS B 203 -9.82 7.41 -11.19
C LYS B 203 -10.97 7.93 -10.30
N VAL B 204 -11.31 7.23 -9.21
CA VAL B 204 -12.43 7.62 -8.37
CA VAL B 204 -12.43 7.62 -8.36
C VAL B 204 -12.02 8.44 -7.14
N PHE B 205 -10.78 8.26 -6.67
CA PHE B 205 -10.31 8.94 -5.45
C PHE B 205 -9.26 10.04 -5.69
N GLY B 206 -8.61 10.01 -6.85
CA GLY B 206 -7.46 10.83 -7.14
C GLY B 206 -7.70 12.32 -7.28
N ALA B 207 -8.88 12.71 -7.76
CA ALA B 207 -9.19 14.14 -7.83
C ALA B 207 -9.25 14.83 -6.47
N SER B 208 -9.33 14.06 -5.38
CA SER B 208 -9.39 14.62 -4.04
C SER B 208 -7.97 14.82 -3.48
N ALA B 209 -6.95 14.49 -4.26
CA ALA B 209 -5.57 14.58 -3.79
C ALA B 209 -5.26 15.96 -3.22
N LYS B 210 -4.63 15.98 -2.04
CA LYS B 210 -4.18 17.20 -1.41
C LYS B 210 -2.63 17.38 -1.55
N VAL B 211 -1.88 16.28 -1.56
CA VAL B 211 -0.45 16.29 -1.65
C VAL B 211 -0.05 15.15 -2.56
N VAL B 212 0.82 15.46 -3.54
CA VAL B 212 1.46 14.41 -4.36
C VAL B 212 2.92 14.27 -3.96
N HIS B 213 3.39 13.03 -3.96
CA HIS B 213 4.72 12.69 -3.50
C HIS B 213 5.44 11.95 -4.64
N PHE B 214 6.48 12.56 -5.16
CA PHE B 214 7.19 12.04 -6.33
C PHE B 214 8.29 11.07 -5.86
N LEU B 215 7.85 10.06 -5.13
CA LEU B 215 8.68 9.07 -4.49
C LEU B 215 9.39 8.29 -5.57
N GLY B 216 10.67 8.03 -5.36
CA GLY B 216 11.43 7.21 -6.28
C GLY B 216 12.66 7.90 -6.80
N ARG B 217 13.46 7.15 -7.55
CA ARG B 217 14.79 7.61 -7.92
C ARG B 217 14.80 8.81 -8.88
N VAL B 218 13.90 8.82 -9.85
CA VAL B 218 13.83 9.92 -10.80
C VAL B 218 12.93 11.02 -10.25
N LYS B 219 13.49 12.20 -10.05
CA LYS B 219 12.75 13.29 -9.43
C LYS B 219 12.26 14.27 -10.47
N PRO B 220 11.33 15.15 -10.07
CA PRO B 220 10.79 16.04 -11.08
C PRO B 220 11.84 16.86 -11.76
N TRP B 221 12.83 17.31 -11.00
CA TRP B 221 13.88 18.17 -11.50
C TRP B 221 14.88 17.47 -12.44
N ASN B 222 14.71 16.16 -12.61
CA ASN B 222 15.55 15.34 -13.51
C ASN B 222 14.94 15.19 -14.89
N TYR B 223 13.68 15.63 -15.06
CA TYR B 223 13.05 15.61 -16.38
C TYR B 223 13.49 16.78 -17.25
N THR B 224 13.41 16.58 -18.57
CA THR B 224 13.58 17.64 -19.55
C THR B 224 12.20 18.22 -19.85
N TYR B 225 12.00 19.47 -19.45
CA TYR B 225 10.73 20.17 -19.61
C TYR B 225 10.80 21.28 -20.68
N ASP B 226 9.79 21.30 -21.55
CA ASP B 226 9.65 22.36 -22.57
C ASP B 226 8.54 23.34 -22.17
N PRO B 227 8.90 24.55 -21.71
CA PRO B 227 7.88 25.48 -21.27
C PRO B 227 6.98 26.06 -22.36
N LYS B 228 7.40 25.95 -23.62
CA LYS B 228 6.59 26.44 -24.74
C LYS B 228 5.30 25.61 -24.88
N THR B 229 5.43 24.31 -24.82
CA THR B 229 4.27 23.43 -25.00
C THR B 229 3.76 22.82 -23.70
N LYS B 230 4.58 22.91 -22.64
CA LYS B 230 4.30 22.31 -21.32
C LYS B 230 4.33 20.78 -21.36
N SER B 231 5.41 20.26 -21.91
CA SER B 231 5.60 18.83 -22.01
C SER B 231 6.92 18.43 -21.44
N VAL B 232 6.98 17.21 -20.92
CA VAL B 232 8.25 16.59 -20.61
C VAL B 232 8.52 15.47 -21.61
N LYS B 233 9.80 15.21 -21.86
CA LYS B 233 10.21 13.97 -22.54
C LYS B 233 10.16 12.86 -21.50
N SER B 234 9.59 11.72 -21.88
CA SER B 234 9.49 10.58 -20.96
C SER B 234 10.32 9.42 -21.49
N GLU B 235 11.08 8.79 -20.59
CA GLU B 235 11.80 7.57 -20.93
C GLU B 235 10.74 6.54 -21.30
N ALA B 236 11.01 5.81 -22.38
CA ALA B 236 10.01 4.93 -23.01
C ALA B 236 9.28 3.98 -22.04
N HIS B 237 9.81 3.81 -20.82
CA HIS B 237 9.17 2.97 -19.81
C HIS B 237 9.09 3.68 -18.46
N ASP B 238 8.46 4.86 -18.44
CA ASP B 238 8.33 5.68 -17.22
C ASP B 238 6.92 5.63 -16.62
N PRO B 239 6.81 5.16 -15.36
CA PRO B 239 5.56 5.15 -14.59
C PRO B 239 4.90 6.51 -14.29
N ASN B 240 5.67 7.47 -13.74
CA ASN B 240 5.17 8.85 -13.43
C ASN B 240 4.26 9.49 -14.50
N MET B 241 4.31 8.94 -15.72
CA MET B 241 3.60 9.50 -16.86
C MET B 241 2.21 8.93 -17.06
N THR B 242 1.79 8.06 -16.14
CA THR B 242 0.41 7.55 -16.11
C THR B 242 -0.51 8.75 -16.06
N HIS B 243 -0.25 9.59 -15.07
CA HIS B 243 -1.03 10.75 -14.79
C HIS B 243 -0.09 11.93 -14.66
N PRO B 244 0.37 12.43 -15.81
CA PRO B 244 1.46 13.39 -15.82
C PRO B 244 1.10 14.79 -15.32
N GLU B 245 -0.19 15.03 -15.08
CA GLU B 245 -0.72 16.29 -14.52
CA GLU B 245 -0.66 16.34 -14.58
C GLU B 245 0.14 16.85 -13.39
N PHE B 246 0.55 15.96 -12.50
CA PHE B 246 1.28 16.40 -11.31
C PHE B 246 2.67 16.88 -11.63
N LEU B 247 3.40 16.11 -12.44
CA LEU B 247 4.71 16.53 -12.92
C LEU B 247 4.64 17.84 -13.69
N ILE B 248 3.62 18.00 -14.53
CA ILE B 248 3.53 19.26 -15.27
C ILE B 248 3.22 20.45 -14.34
N LEU B 249 2.42 20.24 -13.29
CA LEU B 249 2.18 21.28 -12.29
C LEU B 249 3.47 21.66 -11.55
N TRP B 250 4.26 20.63 -11.20
CA TRP B 250 5.56 20.85 -10.56
C TRP B 250 6.40 21.81 -11.42
N TRP B 251 6.47 21.50 -12.70
CA TRP B 251 7.33 22.25 -13.65
C TRP B 251 6.74 23.63 -13.94
N ASN B 252 5.42 23.76 -13.91
CA ASN B 252 4.83 25.09 -14.09
C ASN B 252 5.15 25.99 -12.92
N ILE B 253 5.04 25.47 -11.70
CA ILE B 253 5.43 26.22 -10.51
C ILE B 253 6.92 26.52 -10.50
N PHE B 254 7.75 25.53 -10.86
CA PHE B 254 9.19 25.78 -10.90
C PHE B 254 9.53 26.86 -11.94
N THR B 255 8.97 26.73 -13.11
CA THR B 255 9.33 27.61 -14.24
C THR B 255 8.92 29.06 -13.95
N THR B 256 7.74 29.24 -13.40
CA THR B 256 7.16 30.57 -13.16
CA THR B 256 7.20 30.57 -13.18
C THR B 256 7.67 31.21 -11.88
N ASN B 257 7.71 30.42 -10.80
CA ASN B 257 7.96 30.95 -9.43
C ASN B 257 9.36 30.83 -8.88
N VAL B 258 10.10 29.81 -9.32
CA VAL B 258 11.39 29.47 -8.75
C VAL B 258 12.60 29.66 -9.71
N LEU B 259 12.53 29.10 -10.90
CA LEU B 259 13.67 29.18 -11.86
C LEU B 259 14.20 30.60 -12.06
N PRO B 260 13.31 31.61 -12.11
CA PRO B 260 13.85 32.95 -12.33
C PRO B 260 14.74 33.49 -11.21
N LEU B 261 14.66 32.90 -10.02
CA LEU B 261 15.54 33.23 -8.93
C LEU B 261 16.91 32.54 -9.04
N LEU B 262 17.00 31.50 -9.87
CA LEU B 262 18.18 30.63 -9.95
C LEU B 262 19.06 30.90 -11.16
N GLN B 263 18.45 31.34 -12.25
CA GLN B 263 19.18 31.60 -13.49
C GLN B 263 18.56 32.74 -14.30
#